data_1IZ8
#
_entry.id   1IZ8
#
_cell.length_a   50.227
_cell.length_b   71.721
_cell.length_c   73.319
_cell.angle_alpha   90.00
_cell.angle_beta   90.00
_cell.angle_gamma   90.00
#
_symmetry.space_group_name_H-M   'P 21 21 2'
#
loop_
_entity.id
_entity.type
_entity.pdbx_description
1 polymer 'HALOALKANE DEHALOGENASE, LINB'
2 non-polymer 'BROMIDE ION'
3 non-polymer 'CALCIUM ION'
4 non-polymer 1,3-PROPANDIOL
5 water water
#
_entity_poly.entity_id   1
_entity_poly.type   'polypeptide(L)'
_entity_poly.pdbx_seq_one_letter_code
;SLGAKPFGEKKFIEIKGRRMAYIDEGTGDPILFQHGNPTSSYLWRNIMPHCAGLGRLIACDLIGMGDSDKLDPSGPERYA
YAEHRDYLDALWEALDLGDRVVLVVHDWGSALGFDWARRHRERVQGIAYMEAIAMPIEWADFPEQDRDLFQAFRSQAGEE
LVLQDNVFVEQVLPGLILRPLSEAEMAAYREPFLAAGEARRPTLSWPRQIPIAGTPADVVAIARDYAGWLSESPIPKLFI
NAEPGALTTGRMRDFCRTWPNQTEITVAGAHFIQEDSPDEIGAAIAAFVRRLRPA
;
_entity_poly.pdbx_strand_id   A
#
# COMPACT_ATOMS: atom_id res chain seq x y z
N LEU A 2 -18.52 2.66 6.24
CA LEU A 2 -19.19 1.70 5.32
C LEU A 2 -19.43 2.33 3.96
N GLY A 3 -19.55 1.49 2.93
CA GLY A 3 -19.79 1.98 1.59
C GLY A 3 -19.03 1.26 0.48
N ALA A 4 -19.76 0.79 -0.52
CA ALA A 4 -19.16 0.10 -1.65
C ALA A 4 -18.80 1.07 -2.76
N LYS A 5 -19.33 2.30 -2.68
CA LYS A 5 -19.04 3.29 -3.72
C LYS A 5 -17.63 3.87 -3.66
N PRO A 6 -17.02 4.05 -4.84
CA PRO A 6 -15.67 4.62 -4.94
C PRO A 6 -15.69 6.09 -4.57
N PHE A 7 -14.53 6.61 -4.17
CA PHE A 7 -14.37 8.01 -3.80
C PHE A 7 -13.87 8.80 -5.00
N GLY A 8 -14.65 9.78 -5.43
CA GLY A 8 -14.24 10.59 -6.57
C GLY A 8 -14.38 9.89 -7.89
N GLU A 9 -13.63 10.34 -8.89
CA GLU A 9 -13.67 9.75 -10.21
C GLU A 9 -12.24 9.51 -10.69
N LYS A 10 -12.03 8.42 -11.42
CA LYS A 10 -10.69 8.13 -11.92
C LYS A 10 -10.27 9.03 -13.06
N LYS A 11 -9.04 9.54 -12.96
CA LYS A 11 -8.47 10.36 -14.02
C LYS A 11 -7.32 9.51 -14.56
N PHE A 12 -6.88 9.79 -15.79
CA PHE A 12 -5.79 9.02 -16.40
C PHE A 12 -4.65 9.87 -16.95
N ILE A 13 -3.44 9.34 -16.89
CA ILE A 13 -2.29 10.07 -17.40
C ILE A 13 -1.29 9.05 -17.95
N GLU A 14 -0.67 9.38 -19.09
CA GLU A 14 0.29 8.47 -19.70
C GLU A 14 1.66 8.53 -19.05
N ILE A 15 2.18 7.37 -18.67
CA ILE A 15 3.48 7.30 -18.02
C ILE A 15 4.37 6.24 -18.65
N LYS A 16 5.48 6.68 -19.24
CA LYS A 16 6.43 5.79 -19.88
C LYS A 16 5.69 4.91 -20.87
N GLY A 17 4.86 5.56 -21.69
CA GLY A 17 4.08 4.88 -22.69
C GLY A 17 3.06 3.92 -22.11
N ARG A 18 2.65 4.17 -20.87
CA ARG A 18 1.70 3.26 -20.23
C ARG A 18 0.31 3.66 -19.82
N ARG A 19 0.08 4.88 -19.35
CA ARG A 19 -1.28 5.25 -18.93
C ARG A 19 -1.68 4.63 -17.60
N MET A 20 -1.62 5.44 -16.55
CA MET A 20 -1.94 4.99 -15.20
C MET A 20 -3.18 5.75 -14.70
N ALA A 21 -3.95 5.10 -13.82
CA ALA A 21 -5.17 5.68 -13.28
C ALA A 21 -4.99 6.20 -11.85
N TYR A 22 -5.73 7.25 -11.51
CA TYR A 22 -5.65 7.80 -10.16
C TYR A 22 -6.84 8.68 -9.83
N ILE A 23 -6.95 8.98 -8.54
CA ILE A 23 -7.97 9.85 -8.01
C ILE A 23 -7.19 11.11 -7.61
N ASP A 24 -7.73 12.29 -7.98
CA ASP A 24 -7.10 13.56 -7.70
C ASP A 24 -8.26 14.52 -7.41
N GLU A 25 -8.55 14.74 -6.12
CA GLU A 25 -9.67 15.60 -5.68
C GLU A 25 -9.29 16.74 -4.76
N GLY A 26 -9.74 17.95 -5.07
CA GLY A 26 -9.46 19.07 -4.19
C GLY A 26 -8.25 19.93 -4.51
N THR A 27 -7.91 20.82 -3.58
CA THR A 27 -6.78 21.72 -3.79
C THR A 27 -5.90 21.80 -2.55
N GLY A 28 -4.70 22.31 -2.75
CA GLY A 28 -3.78 22.44 -1.64
C GLY A 28 -2.67 21.41 -1.68
N ASP A 29 -1.97 21.29 -0.56
CA ASP A 29 -0.90 20.33 -0.49
C ASP A 29 -1.54 18.95 -0.54
N PRO A 30 -0.90 18.02 -1.26
CA PRO A 30 -1.51 16.71 -1.34
C PRO A 30 -1.40 15.76 -0.14
N ILE A 31 -2.42 14.92 -0.01
CA ILE A 31 -2.48 13.88 1.00
C ILE A 31 -2.53 12.68 0.06
N LEU A 32 -1.41 11.99 -0.02
CA LEU A 32 -1.23 10.85 -0.92
C LEU A 32 -1.51 9.50 -0.27
N PHE A 33 -2.51 8.79 -0.78
CA PHE A 33 -2.86 7.48 -0.25
C PHE A 33 -2.39 6.43 -1.24
N GLN A 34 -1.57 5.48 -0.78
CA GLN A 34 -1.08 4.44 -1.66
C GLN A 34 -1.37 3.02 -1.20
N HIS A 35 -2.13 2.31 -2.01
CA HIS A 35 -2.54 0.93 -1.77
C HIS A 35 -1.39 -0.04 -2.05
N GLY A 36 -1.59 -1.30 -1.67
CA GLY A 36 -0.57 -2.33 -1.92
C GLY A 36 -1.19 -3.53 -2.65
N ASN A 37 -0.68 -4.73 -2.38
CA ASN A 37 -1.17 -5.95 -3.01
C ASN A 37 -2.35 -6.59 -2.24
N PRO A 38 -3.42 -6.99 -2.95
CA PRO A 38 -3.73 -6.95 -4.37
C PRO A 38 -4.88 -5.96 -4.55
N THR A 39 -4.76 -4.79 -3.93
CA THR A 39 -5.81 -3.79 -3.99
C THR A 39 -5.57 -2.69 -5.02
N SER A 40 -6.29 -1.59 -4.85
CA SER A 40 -6.17 -0.43 -5.73
C SER A 40 -6.55 0.79 -4.90
N SER A 41 -6.75 1.91 -5.56
CA SER A 41 -7.16 3.13 -4.88
C SER A 41 -8.45 2.89 -4.10
N TYR A 42 -9.31 2.01 -4.62
CA TYR A 42 -10.59 1.66 -4.01
C TYR A 42 -10.49 1.40 -2.51
N LEU A 43 -9.34 0.88 -2.08
CA LEU A 43 -9.09 0.55 -0.67
C LEU A 43 -9.28 1.76 0.26
N TRP A 44 -9.09 2.96 -0.27
CA TRP A 44 -9.22 4.18 0.53
C TRP A 44 -10.53 4.95 0.35
N ARG A 45 -11.50 4.34 -0.34
CA ARG A 45 -12.79 5.00 -0.61
C ARG A 45 -13.56 5.53 0.62
N ASN A 46 -13.48 4.87 1.78
CA ASN A 46 -14.21 5.35 2.95
C ASN A 46 -13.35 6.10 3.98
N ILE A 47 -12.10 6.33 3.63
CA ILE A 47 -11.17 7.03 4.52
C ILE A 47 -10.85 8.41 3.98
N MET A 48 -10.62 8.51 2.67
CA MET A 48 -10.31 9.80 2.05
C MET A 48 -11.36 10.86 2.36
N PRO A 49 -12.65 10.48 2.45
CA PRO A 49 -13.70 11.47 2.76
C PRO A 49 -13.40 12.29 4.02
N HIS A 50 -12.82 11.65 5.04
CA HIS A 50 -12.49 12.33 6.30
C HIS A 50 -11.50 13.46 6.12
N CYS A 51 -10.71 13.38 5.07
CA CYS A 51 -9.73 14.42 4.77
C CYS A 51 -10.22 15.54 3.86
N ALA A 52 -11.49 15.53 3.45
CA ALA A 52 -12.03 16.58 2.58
C ALA A 52 -11.68 17.97 3.09
N GLY A 53 -11.35 18.87 2.17
CA GLY A 53 -10.98 20.23 2.54
C GLY A 53 -9.65 20.40 3.26
N LEU A 54 -8.94 19.30 3.50
CA LEU A 54 -7.66 19.39 4.20
C LEU A 54 -6.47 19.41 3.24
N GLY A 55 -6.76 19.29 1.95
CA GLY A 55 -5.70 19.30 0.97
C GLY A 55 -6.11 18.54 -0.27
N ARG A 56 -5.16 18.41 -1.20
CA ARG A 56 -5.37 17.71 -2.46
C ARG A 56 -5.32 16.20 -2.19
N LEU A 57 -6.46 15.52 -2.29
CA LEU A 57 -6.51 14.09 -1.98
C LEU A 57 -6.22 13.24 -3.22
N ILE A 58 -5.19 12.41 -3.12
CA ILE A 58 -4.73 11.57 -4.23
C ILE A 58 -4.56 10.10 -3.89
N ALA A 59 -5.03 9.25 -4.79
CA ALA A 59 -4.92 7.81 -4.63
C ALA A 59 -4.57 7.23 -6.00
N CYS A 60 -3.35 6.72 -6.12
CA CYS A 60 -2.87 6.16 -7.36
C CYS A 60 -3.01 4.66 -7.45
N ASP A 61 -3.33 4.16 -8.65
CA ASP A 61 -3.43 2.73 -8.92
C ASP A 61 -2.07 2.30 -9.45
N LEU A 62 -1.42 1.39 -8.74
CA LEU A 62 -0.11 0.91 -9.17
C LEU A 62 -0.26 0.29 -10.56
N ILE A 63 0.84 0.30 -11.32
CA ILE A 63 0.83 -0.23 -12.68
C ILE A 63 0.43 -1.72 -12.63
N GLY A 64 -0.44 -2.11 -13.55
CA GLY A 64 -0.92 -3.49 -13.60
C GLY A 64 -2.03 -3.71 -12.60
N MET A 65 -2.34 -2.66 -11.86
CA MET A 65 -3.37 -2.76 -10.84
C MET A 65 -4.45 -1.73 -11.05
N GLY A 66 -5.61 -1.94 -10.42
CA GLY A 66 -6.74 -1.01 -10.57
C GLY A 66 -7.10 -0.75 -12.04
N ASP A 67 -7.27 0.52 -12.40
CA ASP A 67 -7.61 0.85 -13.77
C ASP A 67 -6.34 1.16 -14.56
N SER A 68 -5.18 0.99 -13.94
CA SER A 68 -3.92 1.22 -14.61
C SER A 68 -3.65 0.13 -15.64
N ASP A 69 -2.94 0.49 -16.69
CA ASP A 69 -2.61 -0.46 -17.74
C ASP A 69 -1.79 -1.67 -17.27
N LYS A 70 -1.92 -2.77 -18.00
CA LYS A 70 -1.15 -3.95 -17.67
C LYS A 70 0.14 -3.78 -18.46
N LEU A 71 1.23 -4.35 -17.97
CA LEU A 71 2.46 -4.27 -18.71
C LEU A 71 2.55 -5.48 -19.65
N ASP A 72 3.02 -5.25 -20.86
CA ASP A 72 3.17 -6.37 -21.77
C ASP A 72 4.40 -6.20 -22.66
N PRO A 73 5.09 -7.31 -22.94
CA PRO A 73 4.71 -8.63 -22.42
C PRO A 73 4.87 -8.75 -20.90
N SER A 74 4.04 -9.60 -20.29
CA SER A 74 4.10 -9.83 -18.85
C SER A 74 4.73 -11.20 -18.64
N GLY A 75 5.38 -11.39 -17.49
CA GLY A 75 6.04 -12.65 -17.22
C GLY A 75 6.66 -12.68 -15.85
N PRO A 76 7.31 -13.80 -15.46
CA PRO A 76 7.95 -13.97 -14.15
C PRO A 76 8.86 -12.83 -13.71
N GLU A 77 9.41 -12.09 -14.66
CA GLU A 77 10.29 -10.99 -14.30
C GLU A 77 9.63 -9.61 -14.33
N ARG A 78 8.40 -9.54 -14.80
CA ARG A 78 7.71 -8.27 -14.84
C ARG A 78 7.15 -7.98 -13.44
N TYR A 79 6.89 -6.69 -13.19
CA TYR A 79 6.31 -6.22 -11.93
C TYR A 79 7.15 -6.36 -10.66
N ALA A 80 8.47 -6.40 -10.81
CA ALA A 80 9.33 -6.46 -9.64
C ALA A 80 9.23 -5.08 -8.96
N TYR A 81 9.72 -4.97 -7.74
CA TYR A 81 9.65 -3.69 -7.03
C TYR A 81 10.24 -2.52 -7.81
N ALA A 82 11.44 -2.72 -8.34
CA ALA A 82 12.12 -1.66 -9.09
C ALA A 82 11.30 -1.15 -10.28
N GLU A 83 10.49 -2.03 -10.87
CA GLU A 83 9.68 -1.65 -12.02
C GLU A 83 8.46 -0.86 -11.57
N HIS A 84 7.90 -1.21 -10.42
CA HIS A 84 6.75 -0.48 -9.91
C HIS A 84 7.19 0.92 -9.45
N ARG A 85 8.40 1.00 -8.91
CA ARG A 85 8.92 2.28 -8.47
C ARG A 85 9.21 3.19 -9.66
N ASP A 86 9.69 2.62 -10.76
CA ASP A 86 9.98 3.43 -11.93
C ASP A 86 8.72 4.08 -12.44
N TYR A 87 7.60 3.35 -12.39
CA TYR A 87 6.34 3.91 -12.85
C TYR A 87 5.74 4.84 -11.79
N LEU A 88 5.79 4.46 -10.51
CA LEU A 88 5.23 5.32 -9.47
C LEU A 88 5.99 6.65 -9.35
N ASP A 89 7.30 6.61 -9.45
CA ASP A 89 8.13 7.83 -9.40
C ASP A 89 7.73 8.83 -10.51
N ALA A 90 7.59 8.32 -11.73
CA ALA A 90 7.21 9.16 -12.85
C ALA A 90 5.77 9.65 -12.76
N LEU A 91 4.90 8.86 -12.13
CA LEU A 91 3.53 9.28 -11.97
C LEU A 91 3.45 10.41 -10.92
N TRP A 92 4.18 10.24 -9.83
CA TRP A 92 4.20 11.24 -8.76
C TRP A 92 4.87 12.54 -9.20
N GLU A 93 5.80 12.44 -10.14
CA GLU A 93 6.49 13.62 -10.66
C GLU A 93 5.51 14.39 -11.56
N ALA A 94 4.78 13.65 -12.38
CA ALA A 94 3.83 14.24 -13.31
C ALA A 94 2.72 15.00 -12.58
N LEU A 95 2.26 14.44 -11.45
CA LEU A 95 1.18 15.07 -10.71
C LEU A 95 1.51 16.37 -9.98
N ASP A 96 2.75 16.86 -10.13
CA ASP A 96 3.16 18.10 -9.47
C ASP A 96 2.69 18.17 -8.01
N LEU A 97 3.32 17.39 -7.13
CA LEU A 97 2.88 17.34 -5.73
C LEU A 97 3.38 18.45 -4.81
N GLY A 98 4.46 19.12 -5.20
CA GLY A 98 5.00 20.17 -4.34
C GLY A 98 5.96 19.60 -3.30
N ASP A 99 6.16 20.34 -2.21
CA ASP A 99 7.09 19.92 -1.19
C ASP A 99 6.59 19.83 0.24
N ARG A 100 5.30 19.58 0.41
CA ARG A 100 4.67 19.39 1.71
C ARG A 100 3.64 18.29 1.48
N VAL A 101 4.14 17.09 1.18
CA VAL A 101 3.31 15.94 0.92
C VAL A 101 3.14 15.08 2.17
N VAL A 102 1.91 14.65 2.44
CA VAL A 102 1.64 13.77 3.56
C VAL A 102 1.34 12.43 2.90
N LEU A 103 2.07 11.39 3.30
CA LEU A 103 1.88 10.06 2.74
C LEU A 103 1.07 9.19 3.68
N VAL A 104 0.10 8.47 3.11
CA VAL A 104 -0.77 7.55 3.84
C VAL A 104 -0.60 6.23 3.09
N VAL A 105 0.11 5.31 3.73
CA VAL A 105 0.51 4.05 3.12
C VAL A 105 0.11 2.73 3.81
N HIS A 106 0.16 1.67 3.01
CA HIS A 106 -0.20 0.32 3.45
C HIS A 106 0.55 -0.71 2.60
N ASP A 107 0.91 -1.85 3.20
CA ASP A 107 1.54 -2.95 2.46
C ASP A 107 2.66 -2.53 1.49
N TRP A 108 2.51 -2.79 0.20
CA TRP A 108 3.56 -2.41 -0.73
C TRP A 108 3.61 -0.92 -0.94
N GLY A 109 2.51 -0.26 -0.60
CA GLY A 109 2.46 1.19 -0.69
C GLY A 109 3.42 1.78 0.35
N SER A 110 3.56 1.09 1.48
CA SER A 110 4.47 1.59 2.51
C SER A 110 5.92 1.37 2.05
N ALA A 111 6.18 0.25 1.37
CA ALA A 111 7.52 -0.04 0.87
C ALA A 111 7.89 1.03 -0.15
N LEU A 112 6.95 1.30 -1.07
CA LEU A 112 7.13 2.32 -2.10
C LEU A 112 7.10 3.72 -1.51
N GLY A 113 6.24 3.92 -0.52
CA GLY A 113 6.12 5.23 0.11
C GLY A 113 7.30 5.58 0.99
N PHE A 114 7.71 4.64 1.83
CA PHE A 114 8.84 4.88 2.72
C PHE A 114 10.08 5.18 1.86
N ASP A 115 10.26 4.44 0.77
CA ASP A 115 11.40 4.61 -0.12
C ASP A 115 11.41 5.98 -0.83
N TRP A 116 10.25 6.34 -1.37
CA TRP A 116 10.13 7.61 -2.07
C TRP A 116 10.39 8.71 -1.03
N ALA A 117 9.82 8.53 0.16
CA ALA A 117 9.98 9.50 1.24
C ALA A 117 11.46 9.72 1.57
N ARG A 118 12.23 8.63 1.71
CA ARG A 118 13.64 8.77 2.01
C ARG A 118 14.34 9.55 0.88
N ARG A 119 14.11 9.14 -0.35
CA ARG A 119 14.73 9.81 -1.47
C ARG A 119 14.27 11.27 -1.62
N HIS A 120 13.09 11.59 -1.11
CA HIS A 120 12.57 12.95 -1.20
C HIS A 120 12.15 13.51 0.17
N ARG A 121 12.97 13.25 1.19
CA ARG A 121 12.67 13.69 2.55
C ARG A 121 12.28 15.16 2.71
N GLU A 122 12.96 16.08 2.04
CA GLU A 122 12.64 17.51 2.16
C GLU A 122 11.20 17.84 1.77
N ARG A 123 10.60 16.98 0.95
CA ARG A 123 9.27 17.21 0.45
C ARG A 123 8.18 16.55 1.26
N VAL A 124 8.59 15.86 2.31
CA VAL A 124 7.62 15.13 3.12
C VAL A 124 7.20 15.75 4.43
N GLN A 125 5.93 16.14 4.48
CA GLN A 125 5.36 16.76 5.66
C GLN A 125 4.99 15.75 6.75
N GLY A 126 4.51 14.58 6.34
CA GLY A 126 4.12 13.60 7.33
C GLY A 126 3.87 12.23 6.74
N ILE A 127 3.95 11.21 7.58
CA ILE A 127 3.73 9.84 7.15
C ILE A 127 2.78 9.11 8.09
N ALA A 128 1.69 8.60 7.52
CA ALA A 128 0.70 7.83 8.28
C ALA A 128 0.77 6.45 7.65
N TYR A 129 1.19 5.46 8.44
CA TYR A 129 1.33 4.11 7.95
C TYR A 129 0.61 3.05 8.81
N MET A 130 0.33 1.91 8.18
CA MET A 130 -0.40 0.80 8.82
C MET A 130 -0.12 -0.50 8.05
N GLU A 131 -0.11 -1.63 8.76
CA GLU A 131 0.18 -2.94 8.16
C GLU A 131 1.18 -2.80 7.04
N ALA A 132 2.35 -2.26 7.41
CA ALA A 132 3.41 -1.96 6.46
C ALA A 132 4.62 -2.88 6.47
N ILE A 133 5.40 -2.79 5.39
CA ILE A 133 6.65 -3.53 5.28
C ILE A 133 7.66 -2.52 5.82
N ALA A 134 7.90 -2.56 7.13
CA ALA A 134 8.78 -1.59 7.76
C ALA A 134 10.26 -1.90 7.75
N MET A 135 10.59 -3.18 7.56
CA MET A 135 11.97 -3.61 7.57
C MET A 135 12.03 -5.01 7.00
N PRO A 136 13.24 -5.47 6.62
CA PRO A 136 13.34 -6.83 6.09
C PRO A 136 13.03 -7.78 7.26
N ILE A 137 12.39 -8.90 6.96
CA ILE A 137 11.99 -9.83 8.00
C ILE A 137 12.43 -11.26 7.77
N GLU A 138 12.11 -12.12 8.72
CA GLU A 138 12.45 -13.55 8.65
C GLU A 138 11.12 -14.28 8.62
N TRP A 139 11.14 -15.54 8.20
CA TRP A 139 9.89 -16.29 8.16
C TRP A 139 9.20 -16.33 9.51
N ALA A 140 9.98 -16.44 10.58
CA ALA A 140 9.43 -16.49 11.93
C ALA A 140 8.62 -15.23 12.26
N ASP A 141 8.94 -14.10 11.62
CA ASP A 141 8.20 -12.86 11.86
C ASP A 141 6.92 -12.83 11.02
N PHE A 142 6.79 -13.75 10.09
CA PHE A 142 5.61 -13.76 9.22
C PHE A 142 4.37 -14.43 9.87
N PRO A 143 3.18 -13.80 9.71
CA PRO A 143 1.92 -14.30 10.25
C PRO A 143 1.84 -15.79 9.97
N GLU A 144 1.77 -16.61 11.01
CA GLU A 144 1.77 -18.05 10.81
C GLU A 144 0.62 -18.69 10.02
N GLN A 145 -0.58 -18.13 10.09
CA GLN A 145 -1.70 -18.71 9.37
C GLN A 145 -1.51 -18.69 7.86
N ASP A 146 -0.70 -17.76 7.36
CA ASP A 146 -0.47 -17.66 5.92
C ASP A 146 0.96 -17.89 5.50
N ARG A 147 1.78 -18.30 6.46
CA ARG A 147 3.19 -18.53 6.19
C ARG A 147 3.46 -19.55 5.08
N ASP A 148 2.87 -20.74 5.17
CA ASP A 148 3.10 -21.77 4.16
C ASP A 148 2.58 -21.31 2.80
N LEU A 149 1.46 -20.59 2.79
CA LEU A 149 0.90 -20.09 1.56
C LEU A 149 1.87 -19.11 0.88
N PHE A 150 2.48 -18.21 1.66
CA PHE A 150 3.39 -17.24 1.07
C PHE A 150 4.69 -17.86 0.61
N GLN A 151 5.15 -18.89 1.31
CA GLN A 151 6.36 -19.57 0.89
C GLN A 151 6.01 -20.28 -0.41
N ALA A 152 4.75 -20.66 -0.57
CA ALA A 152 4.31 -21.33 -1.79
C ALA A 152 4.22 -20.35 -2.98
N PHE A 153 3.87 -19.10 -2.71
CA PHE A 153 3.78 -18.12 -3.79
C PHE A 153 5.17 -17.90 -4.36
N ARG A 154 6.17 -18.03 -3.49
CA ARG A 154 7.55 -17.81 -3.88
C ARG A 154 8.21 -19.12 -4.30
N SER A 155 7.42 -20.00 -4.88
CA SER A 155 7.93 -21.28 -5.36
C SER A 155 7.26 -21.47 -6.71
N GLN A 156 7.64 -22.52 -7.43
CA GLN A 156 7.04 -22.77 -8.74
C GLN A 156 5.53 -23.02 -8.68
N ALA A 157 4.96 -23.11 -7.48
CA ALA A 157 3.53 -23.36 -7.34
C ALA A 157 2.73 -22.06 -7.32
N GLY A 158 3.45 -20.95 -7.25
CA GLY A 158 2.81 -19.64 -7.23
C GLY A 158 2.04 -19.32 -8.50
N GLU A 159 2.52 -19.83 -9.64
CA GLU A 159 1.81 -19.56 -10.89
C GLU A 159 0.38 -20.14 -10.89
N GLU A 160 0.22 -21.37 -10.44
CA GLU A 160 -1.10 -22.00 -10.41
C GLU A 160 -2.01 -21.31 -9.38
N LEU A 161 -1.47 -21.09 -8.20
CA LEU A 161 -2.21 -20.45 -7.13
C LEU A 161 -2.73 -19.07 -7.51
N VAL A 162 -1.86 -18.25 -8.08
CA VAL A 162 -2.22 -16.88 -8.41
C VAL A 162 -2.71 -16.62 -9.81
N LEU A 163 -1.89 -16.95 -10.81
CA LEU A 163 -2.29 -16.70 -12.19
C LEU A 163 -3.48 -17.53 -12.62
N GLN A 164 -3.56 -18.77 -12.15
CA GLN A 164 -4.66 -19.64 -12.53
C GLN A 164 -5.89 -19.49 -11.64
N ASP A 165 -5.67 -19.53 -10.31
CA ASP A 165 -6.78 -19.44 -9.37
C ASP A 165 -7.04 -18.10 -8.66
N ASN A 166 -6.20 -17.11 -8.89
CA ASN A 166 -6.44 -15.81 -8.28
C ASN A 166 -6.56 -15.89 -6.76
N VAL A 167 -5.69 -16.65 -6.11
CA VAL A 167 -5.71 -16.83 -4.66
C VAL A 167 -5.50 -15.56 -3.80
N PHE A 168 -4.55 -14.71 -4.19
CA PHE A 168 -4.33 -13.50 -3.40
C PHE A 168 -5.62 -12.64 -3.29
N VAL A 169 -6.30 -12.42 -4.42
CA VAL A 169 -7.55 -11.65 -4.41
C VAL A 169 -8.75 -12.36 -3.79
N GLU A 170 -8.91 -13.66 -4.07
CA GLU A 170 -10.09 -14.38 -3.58
C GLU A 170 -9.97 -15.08 -2.24
N GLN A 171 -8.76 -15.38 -1.82
CA GLN A 171 -8.54 -16.04 -0.54
C GLN A 171 -7.85 -15.13 0.48
N VAL A 172 -6.66 -14.61 0.11
CA VAL A 172 -5.88 -13.75 1.01
C VAL A 172 -6.65 -12.51 1.49
N LEU A 173 -7.15 -11.75 0.54
CA LEU A 173 -7.89 -10.51 0.81
C LEU A 173 -9.11 -10.70 1.74
N PRO A 174 -10.06 -11.57 1.34
CA PRO A 174 -11.22 -11.75 2.23
C PRO A 174 -10.75 -12.30 3.58
N GLY A 175 -9.75 -13.20 3.50
CA GLY A 175 -9.23 -13.83 4.70
C GLY A 175 -8.59 -12.92 5.71
N LEU A 176 -8.10 -11.76 5.28
CA LEU A 176 -7.45 -10.83 6.19
C LEU A 176 -8.26 -9.57 6.51
N ILE A 177 -9.59 -9.69 6.37
CA ILE A 177 -10.54 -8.62 6.67
C ILE A 177 -11.54 -9.25 7.64
N LEU A 178 -11.71 -8.66 8.81
CA LEU A 178 -12.60 -9.21 9.84
C LEU A 178 -14.10 -9.19 9.56
N ARG A 179 -14.57 -8.29 8.71
CA ARG A 179 -15.99 -8.22 8.40
C ARG A 179 -16.29 -8.75 6.99
N PRO A 180 -17.50 -9.32 6.80
CA PRO A 180 -17.86 -9.85 5.50
C PRO A 180 -18.01 -8.73 4.46
N LEU A 181 -17.31 -8.87 3.33
CA LEU A 181 -17.38 -7.88 2.27
C LEU A 181 -18.67 -8.05 1.50
N SER A 182 -19.09 -6.99 0.82
CA SER A 182 -20.31 -7.07 0.03
C SER A 182 -19.95 -7.57 -1.36
N GLU A 183 -20.97 -7.99 -2.09
CA GLU A 183 -20.82 -8.47 -3.45
C GLU A 183 -20.15 -7.40 -4.32
N ALA A 184 -20.58 -6.16 -4.17
CA ALA A 184 -20.05 -5.06 -4.98
C ALA A 184 -18.61 -4.73 -4.60
N GLU A 185 -18.29 -4.91 -3.33
CA GLU A 185 -16.95 -4.63 -2.85
C GLU A 185 -15.98 -5.68 -3.41
N MET A 186 -16.41 -6.94 -3.49
CA MET A 186 -15.55 -7.98 -4.05
C MET A 186 -15.39 -7.78 -5.56
N ALA A 187 -16.45 -7.30 -6.19
CA ALA A 187 -16.38 -7.06 -7.64
C ALA A 187 -15.30 -6.04 -7.94
N ALA A 188 -15.33 -4.92 -7.22
CA ALA A 188 -14.35 -3.87 -7.44
C ALA A 188 -12.92 -4.33 -7.24
N TYR A 189 -12.70 -5.26 -6.30
CA TYR A 189 -11.33 -5.75 -6.07
C TYR A 189 -10.90 -6.75 -7.11
N ARG A 190 -11.82 -7.64 -7.52
CA ARG A 190 -11.47 -8.66 -8.52
C ARG A 190 -11.51 -8.16 -9.97
N GLU A 191 -12.14 -7.01 -10.21
CA GLU A 191 -12.25 -6.50 -11.57
C GLU A 191 -10.93 -6.40 -12.35
N PRO A 192 -9.88 -5.81 -11.75
CA PRO A 192 -8.63 -5.72 -12.52
C PRO A 192 -8.00 -7.08 -12.81
N PHE A 193 -8.46 -8.10 -12.12
CA PHE A 193 -7.88 -9.43 -12.26
C PHE A 193 -8.90 -10.51 -12.64
N LEU A 194 -9.92 -10.13 -13.42
CA LEU A 194 -10.95 -11.08 -13.84
C LEU A 194 -10.41 -12.14 -14.76
N ALA A 195 -9.41 -11.77 -15.56
CA ALA A 195 -8.81 -12.71 -16.51
C ALA A 195 -7.68 -13.57 -15.95
N ALA A 196 -7.76 -14.88 -16.18
CA ALA A 196 -6.72 -15.79 -15.69
C ALA A 196 -5.42 -15.56 -16.46
N GLY A 197 -4.30 -15.90 -15.85
CA GLY A 197 -3.02 -15.70 -16.52
C GLY A 197 -2.27 -14.44 -16.12
N GLU A 198 -1.60 -13.84 -17.09
CA GLU A 198 -0.79 -12.66 -16.85
C GLU A 198 -1.45 -11.42 -16.25
N ALA A 199 -2.75 -11.25 -16.41
CA ALA A 199 -3.39 -10.06 -15.84
C ALA A 199 -3.23 -10.06 -14.32
N ARG A 200 -3.05 -11.25 -13.75
CA ARG A 200 -2.89 -11.44 -12.31
C ARG A 200 -1.43 -11.48 -11.87
N ARG A 201 -0.52 -11.43 -12.83
CA ARG A 201 0.92 -11.47 -12.55
C ARG A 201 1.38 -10.50 -11.45
N PRO A 202 0.82 -9.28 -11.42
CA PRO A 202 1.24 -8.32 -10.38
C PRO A 202 0.98 -8.85 -8.97
N THR A 203 -0.11 -9.59 -8.79
CA THR A 203 -0.42 -10.09 -7.45
C THR A 203 0.40 -11.29 -7.00
N LEU A 204 1.21 -11.83 -7.90
CA LEU A 204 2.10 -12.95 -7.60
C LEU A 204 3.56 -12.42 -7.48
N SER A 205 3.89 -11.46 -8.33
CA SER A 205 5.22 -10.84 -8.28
C SER A 205 5.44 -10.10 -6.96
N TRP A 206 4.38 -9.54 -6.39
CA TRP A 206 4.53 -8.79 -5.14
C TRP A 206 5.03 -9.69 -4.00
N PRO A 207 4.31 -10.77 -3.67
CA PRO A 207 4.79 -11.63 -2.58
C PRO A 207 6.20 -12.19 -2.80
N ARG A 208 6.64 -12.25 -4.06
CA ARG A 208 7.98 -12.76 -4.39
C ARG A 208 9.04 -11.66 -4.20
N GLN A 209 8.53 -10.44 -4.02
CA GLN A 209 9.38 -9.30 -3.80
C GLN A 209 9.58 -9.01 -2.32
N ILE A 210 8.73 -9.56 -1.48
CA ILE A 210 8.87 -9.30 -0.06
C ILE A 210 10.29 -9.62 0.45
N PRO A 211 10.88 -8.70 1.21
CA PRO A 211 12.23 -8.84 1.76
C PRO A 211 12.19 -9.75 2.98
N ILE A 212 12.17 -11.06 2.72
CA ILE A 212 12.12 -12.08 3.77
C ILE A 212 13.32 -13.01 3.65
N ALA A 213 13.92 -13.36 4.78
CA ALA A 213 15.07 -14.26 4.77
C ALA A 213 16.14 -13.84 3.75
N GLY A 214 16.40 -12.53 3.64
CA GLY A 214 17.44 -12.03 2.74
C GLY A 214 17.20 -11.93 1.23
N THR A 215 16.08 -12.47 0.77
CA THR A 215 15.74 -12.46 -0.65
C THR A 215 14.38 -11.82 -0.90
N PRO A 216 14.26 -10.99 -1.95
CA PRO A 216 15.34 -10.61 -2.89
C PRO A 216 16.28 -9.56 -2.27
N ALA A 217 17.58 -9.69 -2.54
CA ALA A 217 18.60 -8.79 -2.01
C ALA A 217 18.46 -7.28 -2.31
N ASP A 218 18.04 -6.90 -3.52
CA ASP A 218 17.89 -5.48 -3.81
C ASP A 218 16.76 -4.86 -2.97
N VAL A 219 15.65 -5.57 -2.83
CA VAL A 219 14.53 -5.06 -2.05
C VAL A 219 14.88 -5.01 -0.56
N VAL A 220 15.61 -6.02 -0.11
CA VAL A 220 16.05 -6.12 1.28
C VAL A 220 16.87 -4.88 1.59
N ALA A 221 17.82 -4.58 0.70
CA ALA A 221 18.70 -3.41 0.86
C ALA A 221 17.90 -2.12 0.91
N ILE A 222 16.91 -2.00 0.04
CA ILE A 222 16.08 -0.81 0.01
C ILE A 222 15.33 -0.67 1.34
N ALA A 223 14.77 -1.77 1.82
CA ALA A 223 14.04 -1.76 3.09
C ALA A 223 14.97 -1.50 4.28
N ARG A 224 16.18 -2.06 4.23
CA ARG A 224 17.15 -1.83 5.28
C ARG A 224 17.44 -0.33 5.26
N ASP A 225 17.43 0.23 4.06
CA ASP A 225 17.69 1.65 3.85
C ASP A 225 16.68 2.60 4.51
N TYR A 226 15.40 2.44 4.19
CA TYR A 226 14.40 3.32 4.75
C TYR A 226 14.04 3.02 6.19
N ALA A 227 14.27 1.79 6.62
CA ALA A 227 13.99 1.42 8.00
C ALA A 227 15.00 2.18 8.86
N GLY A 228 16.25 2.15 8.43
CA GLY A 228 17.32 2.83 9.14
C GLY A 228 17.00 4.31 9.24
N TRP A 229 16.68 4.89 8.10
CA TRP A 229 16.32 6.30 7.98
C TRP A 229 15.11 6.64 8.87
N LEU A 230 13.99 5.92 8.69
CA LEU A 230 12.77 6.17 9.45
C LEU A 230 12.96 6.14 10.94
N SER A 231 13.79 5.22 11.41
CA SER A 231 14.05 5.08 12.83
C SER A 231 14.70 6.31 13.44
N GLU A 232 15.35 7.11 12.61
CA GLU A 232 16.02 8.33 13.10
C GLU A 232 15.41 9.64 12.62
N SER A 233 14.51 9.59 11.64
CA SER A 233 13.88 10.80 11.08
C SER A 233 12.88 11.50 12.01
N PRO A 234 12.96 12.85 12.09
CA PRO A 234 12.06 13.63 12.95
C PRO A 234 10.74 13.94 12.26
N ILE A 235 10.56 13.46 11.03
CA ILE A 235 9.31 13.70 10.31
C ILE A 235 8.11 13.16 11.12
N PRO A 236 7.07 13.98 11.32
CA PRO A 236 5.91 13.50 12.09
C PRO A 236 5.34 12.21 11.48
N LYS A 237 4.97 11.28 12.35
CA LYS A 237 4.42 10.00 11.90
C LYS A 237 3.19 9.57 12.70
N LEU A 238 2.22 8.99 12.00
CA LEU A 238 1.05 8.44 12.65
C LEU A 238 1.10 6.94 12.38
N PHE A 239 1.34 6.16 13.42
CA PHE A 239 1.37 4.71 13.27
C PHE A 239 0.00 4.13 13.63
N ILE A 240 -0.76 3.70 12.63
CA ILE A 240 -2.06 3.09 12.91
C ILE A 240 -1.88 1.60 13.10
N ASN A 241 -1.74 1.20 14.35
CA ASN A 241 -1.54 -0.19 14.73
C ASN A 241 -2.88 -0.90 14.68
N ALA A 242 -2.85 -2.21 14.44
CA ALA A 242 -4.07 -3.00 14.35
C ALA A 242 -4.09 -4.17 15.32
N GLU A 243 -5.29 -4.56 15.73
CA GLU A 243 -5.46 -5.69 16.65
C GLU A 243 -6.54 -6.60 16.03
N PRO A 244 -6.20 -7.87 15.78
CA PRO A 244 -4.90 -8.48 16.04
C PRO A 244 -3.78 -8.08 15.07
N GLY A 245 -4.11 -7.34 14.02
CA GLY A 245 -3.08 -6.97 13.06
C GLY A 245 -2.57 -8.25 12.42
N ALA A 246 -1.58 -8.14 11.54
CA ALA A 246 -1.03 -9.31 10.88
C ALA A 246 0.44 -9.09 10.54
N LEU A 247 0.69 -8.29 9.51
CA LEU A 247 2.06 -8.03 9.12
C LEU A 247 2.84 -7.23 10.16
N THR A 248 2.27 -6.12 10.62
CA THR A 248 2.96 -5.27 11.59
C THR A 248 2.65 -5.61 13.02
N THR A 249 3.28 -6.69 13.47
CA THR A 249 3.10 -7.18 14.80
C THR A 249 4.48 -7.75 15.16
N GLY A 250 4.63 -8.30 16.35
CA GLY A 250 5.91 -8.89 16.74
C GLY A 250 7.12 -7.98 16.60
N ARG A 251 8.23 -8.51 16.08
CA ARG A 251 9.45 -7.73 15.91
C ARG A 251 9.27 -6.45 15.08
N MET A 252 8.56 -6.55 13.96
CA MET A 252 8.41 -5.35 13.15
C MET A 252 7.69 -4.22 13.92
N ARG A 253 6.66 -4.59 14.67
CA ARG A 253 5.90 -3.63 15.46
C ARG A 253 6.77 -3.12 16.59
N ASP A 254 7.64 -3.96 17.15
CA ASP A 254 8.53 -3.52 18.22
C ASP A 254 9.37 -2.40 17.63
N PHE A 255 9.86 -2.65 16.43
CA PHE A 255 10.71 -1.71 15.69
C PHE A 255 9.98 -0.39 15.38
N CYS A 256 8.78 -0.48 14.82
CA CYS A 256 8.02 0.72 14.49
C CYS A 256 7.73 1.57 15.72
N ARG A 257 7.52 0.93 16.86
CA ARG A 257 7.26 1.66 18.09
C ARG A 257 8.48 2.44 18.57
N THR A 258 9.58 2.26 17.86
CA THR A 258 10.83 2.90 18.19
C THR A 258 11.04 4.18 17.39
N TRP A 259 10.22 4.38 16.37
CA TRP A 259 10.37 5.57 15.52
C TRP A 259 9.98 6.87 16.19
N PRO A 260 10.76 7.94 15.93
CA PRO A 260 10.61 9.31 16.46
C PRO A 260 9.41 10.11 16.02
N ASN A 261 8.99 11.04 16.88
CA ASN A 261 7.90 11.99 16.59
C ASN A 261 6.68 11.28 16.05
N GLN A 262 6.32 10.18 16.70
CA GLN A 262 5.23 9.37 16.22
C GLN A 262 4.05 9.22 17.17
N THR A 263 2.87 9.37 16.60
CA THR A 263 1.62 9.20 17.31
C THR A 263 1.12 7.80 16.94
N GLU A 264 0.52 7.09 17.90
CA GLU A 264 0.02 5.74 17.64
C GLU A 264 -1.42 5.58 18.10
N ILE A 265 -2.16 4.75 17.37
CA ILE A 265 -3.54 4.45 17.69
C ILE A 265 -3.75 3.01 17.22
N THR A 266 -4.63 2.27 17.88
CA THR A 266 -4.85 0.92 17.43
C THR A 266 -6.29 0.79 17.01
N VAL A 267 -6.53 0.13 15.89
CA VAL A 267 -7.89 -0.08 15.39
C VAL A 267 -8.08 -1.57 15.16
N ALA A 268 -9.33 -2.02 15.12
CA ALA A 268 -9.63 -3.43 14.89
C ALA A 268 -9.32 -3.82 13.44
N GLY A 269 -8.71 -4.99 13.27
CA GLY A 269 -8.39 -5.44 11.93
C GLY A 269 -7.23 -6.39 11.84
N ALA A 270 -7.11 -7.06 10.70
CA ALA A 270 -6.01 -8.00 10.45
C ALA A 270 -4.96 -7.30 9.57
N HIS A 271 -5.09 -7.45 8.26
CA HIS A 271 -4.18 -6.78 7.33
C HIS A 271 -4.82 -5.61 6.60
N PHE A 272 -5.91 -5.86 5.87
CA PHE A 272 -6.59 -4.81 5.11
C PHE A 272 -7.58 -4.10 6.01
N ILE A 273 -7.03 -3.52 7.08
CA ILE A 273 -7.82 -2.85 8.10
C ILE A 273 -8.69 -1.70 7.62
N GLN A 274 -8.41 -1.17 6.44
CA GLN A 274 -9.23 -0.10 5.91
C GLN A 274 -10.67 -0.59 5.73
N GLU A 275 -10.84 -1.91 5.66
CA GLU A 275 -12.19 -2.47 5.49
C GLU A 275 -12.86 -2.73 6.83
N ASP A 276 -12.08 -2.76 7.91
CA ASP A 276 -12.68 -3.01 9.20
C ASP A 276 -12.92 -1.74 10.04
N SER A 277 -12.03 -0.75 9.95
CA SER A 277 -12.20 0.46 10.75
C SER A 277 -11.95 1.72 9.92
N PRO A 278 -12.65 1.85 8.78
CA PRO A 278 -12.44 3.04 7.94
C PRO A 278 -12.59 4.38 8.65
N ASP A 279 -13.61 4.52 9.48
CA ASP A 279 -13.83 5.79 10.16
C ASP A 279 -12.86 6.10 11.30
N GLU A 280 -12.41 5.07 12.00
CA GLU A 280 -11.45 5.25 13.08
C GLU A 280 -10.15 5.71 12.43
N ILE A 281 -9.80 5.04 11.34
CA ILE A 281 -8.59 5.35 10.59
C ILE A 281 -8.72 6.75 9.97
N GLY A 282 -9.82 6.98 9.26
CA GLY A 282 -10.05 8.27 8.65
C GLY A 282 -9.95 9.43 9.65
N ALA A 283 -10.69 9.32 10.75
CA ALA A 283 -10.68 10.37 11.79
C ALA A 283 -9.26 10.69 12.27
N ALA A 284 -8.49 9.64 12.55
CA ALA A 284 -7.12 9.80 13.03
C ALA A 284 -6.22 10.51 12.03
N ILE A 285 -6.32 10.14 10.75
CA ILE A 285 -5.51 10.76 9.71
C ILE A 285 -5.88 12.22 9.56
N ALA A 286 -7.18 12.52 9.52
CA ALA A 286 -7.63 13.91 9.41
C ALA A 286 -7.11 14.73 10.60
N ALA A 287 -7.11 14.15 11.80
CA ALA A 287 -6.60 14.86 12.97
C ALA A 287 -5.10 15.10 12.82
N PHE A 288 -4.40 14.07 12.36
CA PHE A 288 -2.97 14.14 12.13
C PHE A 288 -2.62 15.28 11.17
N VAL A 289 -3.33 15.34 10.05
CA VAL A 289 -3.10 16.36 9.05
C VAL A 289 -3.44 17.75 9.58
N ARG A 290 -4.55 17.87 10.30
CA ARG A 290 -4.93 19.17 10.83
C ARG A 290 -3.82 19.74 11.69
N ARG A 291 -3.24 18.92 12.57
CA ARG A 291 -2.14 19.37 13.42
C ARG A 291 -0.91 19.73 12.58
N LEU A 292 -0.75 19.05 11.44
CA LEU A 292 0.38 19.32 10.57
C LEU A 292 0.13 20.57 9.71
N ARG A 293 -1.14 20.93 9.50
CA ARG A 293 -1.51 22.09 8.67
C ARG A 293 -2.47 23.03 9.40
N PRO A 294 -1.98 23.77 10.40
CA PRO A 294 -2.77 24.72 11.20
C PRO A 294 -3.37 25.86 10.40
N ALA A 295 -4.65 26.09 10.65
CA ALA A 295 -5.44 27.14 10.00
C ALA A 295 -6.90 26.66 9.99
#